data_8VG9
#
_entry.id   8VG9
#
_cell.length_a   56.620
_cell.length_b   55.019
_cell.length_c   63.329
_cell.angle_alpha   90.000
_cell.angle_beta   95.160
_cell.angle_gamma   90.000
#
_symmetry.space_group_name_H-M   'P 1 21 1'
#
loop_
_entity.id
_entity.type
_entity.pdbx_description
1 polymer 'O-Glycosyl hydrolase'
2 non-polymer 1,2-ETHANEDIOL
3 non-polymer DI(HYDROXYETHYL)ETHER
4 non-polymer 'SODIUM ION'
5 non-polymer 'FLUORIDE ION'
6 non-polymer 'PHOSPHATE ION'
7 water water
#
_entity_poly.entity_id   1
_entity_poly.type   'polypeptide(L)'
_entity_poly.pdbx_seq_one_letter_code
;VMPESEPSVYAVMPESEPSVYAADTVVVNTGKEYQTIDGFGGMNHPEWMGSDLTDAQRQKAFGNGEDELGLTILRIFVNP
DSNQWNKAVPTAKFAAQHGAKVFASPWEPPSNLAESDSNGGKLHLPKSNYTAYAQHLNNFGTYMKNQGVDLYAISVQNEP
DYASEWTRWSTDETTDFLANYADKITSTRVMSPESFQYAPETASWVADGGKKYYTKILNNQKAFANCDLFGTHFYGTQRA
WMDFPALESCGKPIWMTEVYVPNSSSDADTWPEALDVAENIHNGMTVGNMSAYVWWYIRRSYGPMKENGNISKRGYMMAQ
YSKFVRPGDVRIDATEQPTQNVFVSAYKNDADQVTIVAVNKTTSEYNQSFSMGSGESISGVTRYRSSGSENLAKSEISFN
GTGFAAQLPAQSVSTFVVDL
;
_entity_poly.pdbx_strand_id   A
#
loop_
_chem_comp.id
_chem_comp.type
_chem_comp.name
_chem_comp.formula
EDO non-polymer 1,2-ETHANEDIOL 'C2 H6 O2'
F non-polymer 'FLUORIDE ION' 'F -1'
NA non-polymer 'SODIUM ION' 'Na 1'
PEG non-polymer DI(HYDROXYETHYL)ETHER 'C4 H10 O3'
PO4 non-polymer 'PHOSPHATE ION' 'O4 P -3'
#
# COMPACT_ATOMS: atom_id res chain seq x y z
N ALA A 23 -1.23 -6.88 -30.08
CA ALA A 23 -0.68 -7.02 -28.74
C ALA A 23 -0.03 -8.39 -28.56
N ASP A 24 1.15 -8.42 -27.94
CA ASP A 24 1.65 -9.66 -27.36
C ASP A 24 0.56 -10.32 -26.54
N THR A 25 0.47 -11.65 -26.62
CA THR A 25 -0.32 -12.39 -25.66
C THR A 25 0.29 -12.19 -24.28
N VAL A 26 -0.57 -12.00 -23.28
CA VAL A 26 -0.10 -11.94 -21.90
C VAL A 26 0.14 -13.39 -21.46
N VAL A 27 1.40 -13.75 -21.24
CA VAL A 27 1.76 -15.10 -20.78
C VAL A 27 1.93 -15.05 -19.26
N VAL A 28 1.15 -15.88 -18.56
CA VAL A 28 1.15 -15.97 -17.11
C VAL A 28 1.85 -17.26 -16.73
N ASN A 29 2.71 -17.19 -15.71
N ASN A 29 2.75 -17.18 -15.73
CA ASN A 29 3.50 -18.34 -15.27
CA ASN A 29 3.48 -18.36 -15.27
C ASN A 29 3.38 -18.47 -13.75
C ASN A 29 3.37 -18.46 -13.76
N THR A 30 2.57 -19.44 -13.29
CA THR A 30 2.39 -19.63 -11.85
C THR A 30 3.65 -20.11 -11.15
N GLY A 31 4.65 -20.60 -11.89
CA GLY A 31 5.86 -21.10 -11.27
C GLY A 31 6.91 -20.04 -10.96
N LYS A 32 6.73 -18.83 -11.46
CA LYS A 32 7.68 -17.75 -11.24
C LYS A 32 7.03 -16.75 -10.30
N GLU A 33 7.52 -16.71 -9.07
CA GLU A 33 6.90 -15.97 -7.98
C GLU A 33 7.72 -14.75 -7.61
N TYR A 34 7.01 -13.69 -7.21
CA TYR A 34 7.63 -12.49 -6.68
C TYR A 34 7.17 -12.30 -5.24
N GLN A 35 6.65 -11.12 -4.87
CA GLN A 35 6.36 -10.84 -3.46
C GLN A 35 5.04 -11.45 -3.02
N THR A 36 4.96 -11.74 -1.73
CA THR A 36 3.68 -12.10 -1.11
C THR A 36 2.93 -10.81 -0.79
N ILE A 37 1.63 -10.81 -1.07
CA ILE A 37 0.81 -9.63 -0.83
C ILE A 37 0.36 -9.62 0.61
N ASP A 38 0.64 -8.52 1.32
CA ASP A 38 0.10 -8.30 2.66
C ASP A 38 -1.23 -7.56 2.66
N GLY A 39 -1.53 -6.76 1.63
CA GLY A 39 -2.87 -6.23 1.49
C GLY A 39 -2.90 -4.80 0.97
N PHE A 40 -4.08 -4.19 1.11
CA PHE A 40 -4.38 -2.87 0.58
C PHE A 40 -5.16 -2.13 1.65
N GLY A 41 -4.90 -0.85 1.83
CA GLY A 41 -5.60 -0.18 2.91
C GLY A 41 -5.61 1.33 2.82
N GLY A 42 -5.84 1.95 3.97
CA GLY A 42 -5.85 3.40 4.07
C GLY A 42 -5.68 3.82 5.51
N MET A 43 -5.59 5.14 5.68
N MET A 43 -5.61 5.14 5.70
CA MET A 43 -5.36 5.80 6.97
CA MET A 43 -5.32 5.76 6.98
C MET A 43 -6.67 6.17 7.65
C MET A 43 -6.60 6.24 7.65
N ASN A 44 -6.67 6.06 8.97
CA ASN A 44 -7.71 6.65 9.81
C ASN A 44 -7.05 7.59 10.81
N HIS A 45 -7.55 8.81 10.90
CA HIS A 45 -6.89 9.86 11.67
C HIS A 45 -7.97 10.80 12.19
N PRO A 46 -8.67 10.43 13.27
CA PRO A 46 -9.77 11.27 13.75
C PRO A 46 -9.37 12.69 14.07
N GLU A 47 -8.20 12.89 14.69
CA GLU A 47 -7.75 14.24 15.05
C GLU A 47 -7.68 15.16 13.83
N TRP A 48 -7.10 14.68 12.73
CA TRP A 48 -6.90 15.53 11.55
C TRP A 48 -8.07 15.46 10.59
N MET A 49 -8.79 14.33 10.54
CA MET A 49 -9.91 14.22 9.64
C MET A 49 -11.13 14.96 10.20
N GLY A 50 -11.19 15.18 11.53
CA GLY A 50 -12.25 15.91 12.18
C GLY A 50 -13.33 15.04 12.78
N SER A 51 -13.40 13.77 12.38
CA SER A 51 -14.32 12.80 12.93
C SER A 51 -13.79 11.43 12.56
N ASP A 52 -14.16 10.43 13.35
CA ASP A 52 -13.86 9.04 13.08
C ASP A 52 -14.79 8.53 11.97
N LEU A 53 -14.44 7.39 11.40
CA LEU A 53 -15.40 6.65 10.57
C LEU A 53 -16.60 6.23 11.41
N THR A 54 -17.78 6.24 10.79
CA THR A 54 -18.97 5.66 11.40
C THR A 54 -18.99 4.14 11.24
N ASP A 55 -19.90 3.47 11.95
CA ASP A 55 -20.01 2.03 11.79
C ASP A 55 -20.29 1.64 10.34
N ALA A 56 -21.17 2.39 9.65
CA ALA A 56 -21.43 2.08 8.25
C ALA A 56 -20.18 2.23 7.41
N GLN A 57 -19.39 3.27 7.67
CA GLN A 57 -18.17 3.50 6.90
C GLN A 57 -17.11 2.45 7.21
N ARG A 58 -17.01 2.01 8.46
CA ARG A 58 -16.07 0.95 8.79
C ARG A 58 -16.41 -0.34 8.01
N GLN A 59 -17.70 -0.69 7.97
CA GLN A 59 -18.14 -1.85 7.21
C GLN A 59 -17.89 -1.67 5.71
N LYS A 60 -18.19 -0.48 5.19
CA LYS A 60 -17.97 -0.19 3.78
C LYS A 60 -16.51 -0.36 3.39
N ALA A 61 -15.59 -0.04 4.31
CA ALA A 61 -14.16 -0.08 4.01
C ALA A 61 -13.57 -1.48 4.17
N PHE A 62 -13.94 -2.20 5.24
CA PHE A 62 -13.24 -3.42 5.60
C PHE A 62 -14.01 -4.71 5.34
N GLY A 63 -15.31 -4.65 5.08
CA GLY A 63 -16.00 -5.79 4.50
C GLY A 63 -15.55 -6.03 3.07
N ASN A 64 -15.73 -7.26 2.60
CA ASN A 64 -15.45 -7.57 1.20
C ASN A 64 -16.68 -8.09 0.47
N GLY A 65 -17.86 -7.62 0.87
CA GLY A 65 -19.10 -7.99 0.21
C GLY A 65 -19.48 -7.04 -0.90
N GLU A 66 -20.78 -6.98 -1.17
CA GLU A 66 -21.32 -6.19 -2.27
C GLU A 66 -21.07 -4.70 -2.05
N ASP A 67 -20.39 -4.09 -3.01
CA ASP A 67 -20.04 -2.66 -2.98
C ASP A 67 -19.29 -2.27 -1.72
N GLU A 68 -18.39 -3.13 -1.26
CA GLU A 68 -17.51 -2.81 -0.14
C GLU A 68 -16.07 -2.83 -0.66
N LEU A 69 -15.21 -2.00 -0.07
CA LEU A 69 -13.88 -1.80 -0.62
C LEU A 69 -12.97 -3.00 -0.44
N GLY A 70 -13.23 -3.85 0.56
CA GLY A 70 -12.35 -4.99 0.80
C GLY A 70 -10.95 -4.63 1.25
N LEU A 71 -10.80 -3.50 1.93
CA LEU A 71 -9.49 -3.16 2.48
C LEU A 71 -9.07 -4.19 3.51
N THR A 72 -7.76 -4.47 3.55
CA THR A 72 -7.19 -5.48 4.41
C THR A 72 -6.06 -4.97 5.28
N ILE A 73 -5.78 -3.66 5.23
CA ILE A 73 -4.81 -2.99 6.10
C ILE A 73 -5.41 -1.67 6.57
N LEU A 74 -5.21 -1.36 7.84
CA LEU A 74 -5.56 -0.06 8.38
C LEU A 74 -4.28 0.57 8.95
N ARG A 75 -4.01 1.81 8.56
CA ARG A 75 -2.97 2.59 9.21
C ARG A 75 -3.60 3.55 10.21
N ILE A 76 -2.97 3.66 11.39
CA ILE A 76 -3.44 4.51 12.47
C ILE A 76 -2.33 5.45 12.92
N PHE A 77 -2.74 6.46 13.69
CA PHE A 77 -1.89 7.54 14.17
C PHE A 77 -1.39 7.25 15.57
N VAL A 78 -0.12 7.55 15.83
CA VAL A 78 0.44 7.49 17.19
C VAL A 78 0.46 8.92 17.72
N ASN A 79 -0.51 9.29 18.52
CA ASN A 79 -0.53 10.64 19.08
C ASN A 79 0.64 10.81 20.04
N PRO A 80 1.35 11.95 20.01
CA PRO A 80 2.42 12.17 21.00
C PRO A 80 1.96 12.07 22.44
N ASP A 81 0.67 12.37 22.70
CA ASP A 81 0.08 12.34 24.02
C ASP A 81 -0.66 11.03 24.20
N SER A 82 -0.16 10.18 25.10
CA SER A 82 -0.77 8.87 25.30
C SER A 82 -2.20 8.96 25.85
N ASN A 83 -2.59 10.08 26.44
CA ASN A 83 -3.96 10.23 26.88
C ASN A 83 -4.93 10.29 25.71
N GLN A 84 -4.42 10.42 24.48
CA GLN A 84 -5.26 10.46 23.29
C GLN A 84 -5.24 9.17 22.47
N TRP A 85 -4.43 8.19 22.86
CA TRP A 85 -4.33 6.96 22.08
C TRP A 85 -5.68 6.28 21.91
N ASN A 86 -6.59 6.47 22.88
CA ASN A 86 -7.91 5.85 22.81
C ASN A 86 -8.68 6.24 21.54
N LYS A 87 -8.39 7.42 20.97
CA LYS A 87 -9.12 7.85 19.78
C LYS A 87 -8.87 6.93 18.59
N ALA A 88 -7.74 6.23 18.56
CA ALA A 88 -7.41 5.33 17.46
C ALA A 88 -8.12 3.99 17.56
N VAL A 89 -8.67 3.66 18.72
CA VAL A 89 -9.06 2.29 19.05
C VAL A 89 -10.31 1.78 18.33
N PRO A 90 -11.43 2.51 18.32
CA PRO A 90 -12.66 1.89 17.79
C PRO A 90 -12.54 1.42 16.35
N THR A 91 -11.89 2.22 15.49
CA THR A 91 -11.78 1.80 14.11
C THR A 91 -10.73 0.69 13.95
N ALA A 92 -9.68 0.70 14.78
CA ALA A 92 -8.72 -0.39 14.76
C ALA A 92 -9.35 -1.71 15.19
N LYS A 93 -10.18 -1.68 16.23
CA LYS A 93 -10.85 -2.90 16.68
C LYS A 93 -11.75 -3.44 15.58
N PHE A 94 -12.49 -2.55 14.90
CA PHE A 94 -13.37 -3.01 13.83
C PHE A 94 -12.57 -3.64 12.68
N ALA A 95 -11.51 -2.96 12.24
CA ALA A 95 -10.68 -3.50 11.17
C ALA A 95 -10.08 -4.85 11.57
N ALA A 96 -9.56 -4.94 12.79
CA ALA A 96 -8.95 -6.19 13.23
C ALA A 96 -9.97 -7.32 13.27
N GLN A 97 -11.20 -7.02 13.68
CA GLN A 97 -12.22 -8.05 13.75
C GLN A 97 -12.57 -8.59 12.36
N HIS A 98 -12.36 -7.77 11.33
N HIS A 98 -12.38 -7.77 11.33
CA HIS A 98 -12.58 -8.18 9.96
CA HIS A 98 -12.60 -8.18 9.95
C HIS A 98 -11.30 -8.66 9.29
C HIS A 98 -11.39 -8.90 9.35
N GLY A 99 -10.29 -9.02 10.09
CA GLY A 99 -9.10 -9.66 9.59
C GLY A 99 -8.03 -8.74 9.04
N ALA A 100 -8.20 -7.42 9.15
CA ALA A 100 -7.20 -6.51 8.61
C ALA A 100 -5.99 -6.44 9.52
N LYS A 101 -4.82 -6.25 8.91
CA LYS A 101 -3.63 -5.88 9.67
C LYS A 101 -3.72 -4.41 10.02
N VAL A 102 -3.31 -4.06 11.22
CA VAL A 102 -3.32 -2.68 11.69
C VAL A 102 -1.88 -2.29 11.96
N PHE A 103 -1.42 -1.19 11.36
CA PHE A 103 -0.10 -0.67 11.69
C PHE A 103 -0.19 0.82 12.02
N ALA A 104 0.83 1.33 12.70
CA ALA A 104 0.77 2.69 13.22
C ALA A 104 2.04 3.48 12.90
N SER A 105 1.87 4.78 12.73
CA SER A 105 2.97 5.67 12.39
C SER A 105 2.98 6.88 13.31
N PRO A 106 4.15 7.28 13.83
CA PRO A 106 4.29 8.52 14.60
C PRO A 106 4.78 9.66 13.71
N TRP A 107 4.27 10.86 13.98
CA TRP A 107 4.75 12.09 13.37
C TRP A 107 5.67 12.88 14.28
N GLU A 108 5.45 12.83 15.60
CA GLU A 108 6.26 13.58 16.55
C GLU A 108 6.42 12.78 17.84
N PRO A 109 7.55 12.94 18.52
CA PRO A 109 7.70 12.39 19.87
C PRO A 109 6.79 13.13 20.83
N PRO A 110 6.54 12.54 22.01
CA PRO A 110 5.99 13.32 23.13
C PRO A 110 6.72 14.65 23.24
N SER A 111 5.99 15.73 23.53
CA SER A 111 6.60 17.05 23.49
C SER A 111 7.78 17.18 24.44
N ASN A 112 7.77 16.44 25.54
CA ASN A 112 8.89 16.49 26.49
C ASN A 112 10.16 15.84 25.96
N LEU A 113 10.06 15.05 24.88
CA LEU A 113 11.24 14.42 24.28
C LEU A 113 11.73 15.14 23.03
N ALA A 114 10.92 16.05 22.47
CA ALA A 114 11.23 16.68 21.19
C ALA A 114 11.85 18.06 21.41
N GLU A 115 12.74 18.46 20.51
CA GLU A 115 13.29 19.81 20.53
C GLU A 115 13.02 20.49 19.19
N SER A 116 12.95 21.81 19.21
CA SER A 116 12.89 22.56 17.97
C SER A 116 14.08 22.20 17.08
N ASP A 117 13.81 22.07 15.77
CA ASP A 117 14.86 21.81 14.80
C ASP A 117 15.24 23.10 14.12
N SER A 118 16.55 23.38 14.08
CA SER A 118 17.05 24.56 13.38
C SER A 118 17.54 24.23 11.96
N ASN A 119 17.30 23.01 11.47
CA ASN A 119 17.83 22.56 10.17
C ASN A 119 16.75 22.11 9.19
N GLY A 120 15.55 22.72 9.24
CA GLY A 120 14.55 22.54 8.21
C GLY A 120 13.28 21.84 8.68
N GLY A 121 13.39 20.97 9.71
CA GLY A 121 12.20 20.39 10.31
C GLY A 121 11.59 21.33 11.33
N LYS A 122 10.38 20.96 11.79
CA LYS A 122 9.83 21.63 12.96
C LYS A 122 10.50 21.14 14.23
N LEU A 123 10.63 19.81 14.36
CA LEU A 123 11.16 19.17 15.54
C LEU A 123 12.30 18.23 15.18
N HIS A 124 13.05 17.83 16.21
CA HIS A 124 14.13 16.87 16.12
C HIS A 124 14.12 16.07 17.41
N LEU A 125 14.50 14.79 17.32
CA LEU A 125 14.62 13.94 18.51
C LEU A 125 16.08 13.89 18.91
N PRO A 126 16.48 14.45 20.05
CA PRO A 126 17.90 14.35 20.46
C PRO A 126 18.26 12.90 20.73
N LYS A 127 19.52 12.55 20.41
CA LYS A 127 19.99 11.18 20.64
C LYS A 127 19.80 10.76 22.10
N SER A 128 19.98 11.70 23.04
CA SER A 128 19.83 11.36 24.46
C SER A 128 18.42 10.90 24.82
N ASN A 129 17.43 11.11 23.94
CA ASN A 129 16.06 10.70 24.19
C ASN A 129 15.63 9.46 23.40
N TYR A 130 16.57 8.78 22.73
CA TYR A 130 16.20 7.65 21.88
C TYR A 130 15.60 6.49 22.69
N THR A 131 16.16 6.19 23.87
CA THR A 131 15.64 5.06 24.63
C THR A 131 14.20 5.34 25.07
N ALA A 132 13.94 6.56 25.53
CA ALA A 132 12.58 6.93 25.92
C ALA A 132 11.64 6.90 24.72
N TYR A 133 12.12 7.31 23.55
CA TYR A 133 11.27 7.29 22.36
C TYR A 133 10.93 5.86 21.96
N ALA A 134 11.90 4.95 22.02
CA ALA A 134 11.57 3.57 21.75
C ALA A 134 10.52 3.05 22.73
N GLN A 135 10.56 3.52 23.98
CA GLN A 135 9.56 3.07 24.94
C GLN A 135 8.18 3.64 24.62
N HIS A 136 8.14 4.88 24.14
CA HIS A 136 6.89 5.47 23.68
C HIS A 136 6.25 4.58 22.59
N LEU A 137 7.04 4.18 21.60
CA LEU A 137 6.51 3.33 20.54
C LEU A 137 6.12 1.96 21.09
N ASN A 138 6.96 1.39 21.96
CA ASN A 138 6.64 0.07 22.52
C ASN A 138 5.36 0.13 23.34
N ASN A 139 5.19 1.20 24.11
CA ASN A 139 4.00 1.33 24.95
C ASN A 139 2.74 1.52 24.12
N PHE A 140 2.84 2.19 22.96
CA PHE A 140 1.68 2.27 22.08
C PHE A 140 1.27 0.88 21.60
N GLY A 141 2.25 0.05 21.24
CA GLY A 141 1.94 -1.32 20.86
C GLY A 141 1.28 -2.09 21.99
N THR A 142 1.78 -1.93 23.23
CA THR A 142 1.19 -2.63 24.36
C THR A 142 -0.24 -2.16 24.64
N TYR A 143 -0.46 -0.85 24.55
CA TYR A 143 -1.81 -0.32 24.74
C TYR A 143 -2.78 -0.89 23.70
N MET A 144 -2.40 -0.88 22.41
CA MET A 144 -3.25 -1.49 21.40
C MET A 144 -3.55 -2.94 21.71
N LYS A 145 -2.53 -3.72 22.10
CA LYS A 145 -2.76 -5.12 22.45
C LYS A 145 -3.77 -5.25 23.59
N ASN A 146 -3.63 -4.41 24.61
CA ASN A 146 -4.58 -4.44 25.72
C ASN A 146 -5.99 -4.04 25.30
N GLN A 147 -6.12 -3.29 24.20
CA GLN A 147 -7.40 -2.94 23.65
C GLN A 147 -7.92 -3.98 22.67
N GLY A 148 -7.25 -5.13 22.56
CA GLY A 148 -7.71 -6.19 21.67
C GLY A 148 -7.23 -6.06 20.25
N VAL A 149 -6.20 -5.26 19.98
CA VAL A 149 -5.66 -5.11 18.64
C VAL A 149 -4.20 -5.54 18.68
N ASP A 150 -3.88 -6.66 18.04
CA ASP A 150 -2.49 -7.06 17.94
C ASP A 150 -1.86 -6.25 16.83
N LEU A 151 -1.23 -5.15 17.20
CA LEU A 151 -0.71 -4.23 16.21
C LEU A 151 0.38 -4.90 15.38
N TYR A 152 0.23 -4.82 14.05
CA TYR A 152 1.14 -5.52 13.17
C TYR A 152 2.54 -4.91 13.20
N ALA A 153 2.62 -3.58 13.18
CA ALA A 153 3.91 -2.90 13.14
C ALA A 153 3.72 -1.46 13.56
N ILE A 154 4.83 -0.84 13.98
CA ILE A 154 4.91 0.60 14.24
C ILE A 154 6.18 1.11 13.56
N SER A 155 6.10 2.28 12.92
CA SER A 155 7.25 2.79 12.20
C SER A 155 8.06 3.78 13.05
N VAL A 156 9.30 4.04 12.59
CA VAL A 156 10.20 4.94 13.33
C VAL A 156 9.72 6.38 13.21
N GLN A 157 9.24 6.77 12.04
CA GLN A 157 8.92 8.18 11.77
C GLN A 157 8.22 8.27 10.43
N ASN A 158 7.13 9.06 10.40
CA ASN A 158 6.50 9.49 9.15
C ASN A 158 7.34 10.55 8.45
N GLU A 159 7.77 10.29 7.22
CA GLU A 159 8.38 11.30 6.36
C GLU A 159 9.47 12.15 7.05
N PRO A 160 10.53 11.52 7.54
CA PRO A 160 11.63 12.29 8.15
C PRO A 160 12.35 13.20 7.17
N ASP A 161 12.12 13.03 5.86
CA ASP A 161 12.72 13.82 4.81
C ASP A 161 11.74 14.81 4.19
N TYR A 162 10.56 14.98 4.77
CA TYR A 162 9.61 16.03 4.36
C TYR A 162 8.96 16.56 5.64
N ALA A 163 9.79 17.12 6.53
CA ALA A 163 9.41 17.28 7.93
C ALA A 163 9.30 18.73 8.36
N SER A 164 9.02 19.66 7.42
CA SER A 164 8.90 21.06 7.80
C SER A 164 7.83 21.27 8.88
N GLU A 165 6.86 20.39 8.98
CA GLU A 165 5.81 20.52 9.98
C GLU A 165 5.79 19.38 10.99
N TRP A 166 6.82 18.54 11.02
CA TRP A 166 6.95 17.50 12.05
C TRP A 166 8.41 17.24 12.35
N THR A 167 8.83 15.99 12.47
CA THR A 167 10.13 15.65 13.04
C THR A 167 11.10 15.22 11.96
N ARG A 168 12.17 15.98 11.77
CA ARG A 168 13.22 15.62 10.83
C ARG A 168 14.21 14.66 11.48
N TRP A 169 14.60 13.62 10.73
CA TRP A 169 15.72 12.77 11.11
C TRP A 169 16.68 12.69 9.94
N SER A 170 17.98 12.75 10.21
CA SER A 170 18.93 12.38 9.18
C SER A 170 18.92 10.87 8.95
N THR A 171 19.51 10.45 7.83
CA THR A 171 19.54 9.02 7.54
C THR A 171 20.48 8.26 8.49
N ASP A 172 21.55 8.92 8.96
CA ASP A 172 22.36 8.34 10.03
C ASP A 172 21.55 8.16 11.33
N GLU A 173 20.72 9.15 11.67
CA GLU A 173 19.97 9.09 12.94
C GLU A 173 18.98 7.92 12.96
N THR A 174 18.21 7.73 11.89
CA THR A 174 17.29 6.60 11.89
C THR A 174 18.03 5.27 11.93
N THR A 175 19.20 5.20 11.30
CA THR A 175 19.99 3.97 11.32
C THR A 175 20.52 3.70 12.72
N ASP A 176 20.99 4.75 13.41
CA ASP A 176 21.44 4.62 14.79
C ASP A 176 20.29 4.16 15.68
N PHE A 177 19.11 4.76 15.52
CA PHE A 177 17.96 4.34 16.31
C PHE A 177 17.66 2.86 16.10
N LEU A 178 17.60 2.43 14.84
CA LEU A 178 17.29 1.03 14.55
C LEU A 178 18.37 0.09 15.08
N ALA A 179 19.65 0.43 14.86
CA ALA A 179 20.73 -0.47 15.24
C ALA A 179 20.82 -0.64 16.76
N ASN A 180 20.64 0.44 17.50
CA ASN A 180 21.05 0.48 18.89
C ASN A 180 19.91 0.62 19.89
N TYR A 181 18.68 0.84 19.43
CA TYR A 181 17.57 1.08 20.34
C TYR A 181 16.30 0.32 20.00
N ALA A 182 16.03 0.05 18.72
CA ALA A 182 14.73 -0.50 18.33
C ALA A 182 14.55 -1.96 18.71
N ASP A 183 15.60 -2.64 19.16
CA ASP A 183 15.44 -3.99 19.64
C ASP A 183 14.57 -4.05 20.90
N LYS A 184 14.40 -2.92 21.59
CA LYS A 184 13.54 -2.86 22.77
C LYS A 184 12.07 -2.64 22.44
N ILE A 185 11.71 -2.55 21.16
CA ILE A 185 10.31 -2.53 20.74
C ILE A 185 9.89 -3.99 20.53
N THR A 186 9.24 -4.56 21.53
N THR A 186 9.22 -4.55 21.53
CA THR A 186 8.88 -5.98 21.49
CA THR A 186 8.88 -5.98 21.51
C THR A 186 7.38 -6.24 21.48
C THR A 186 7.38 -6.23 21.39
N SER A 187 6.55 -5.21 21.53
CA SER A 187 5.11 -5.39 21.55
C SER A 187 4.52 -5.49 20.15
N THR A 188 5.32 -5.17 19.13
CA THR A 188 4.90 -5.14 17.75
C THR A 188 6.16 -5.17 16.89
N ARG A 189 5.97 -5.37 15.59
CA ARG A 189 7.09 -5.32 14.65
C ARG A 189 7.55 -3.88 14.47
N VAL A 190 8.80 -3.72 14.02
CA VAL A 190 9.37 -2.40 13.76
C VAL A 190 9.41 -2.19 12.25
N MET A 191 8.78 -1.12 11.80
CA MET A 191 8.87 -0.65 10.42
C MET A 191 9.88 0.47 10.29
N SER A 192 10.57 0.49 9.14
CA SER A 192 11.55 1.52 8.82
C SER A 192 10.92 2.91 8.89
N PRO A 193 11.74 3.98 9.00
CA PRO A 193 11.21 5.31 8.68
C PRO A 193 10.57 5.28 7.29
N GLU A 194 9.56 6.12 7.11
CA GLU A 194 8.76 6.10 5.88
C GLU A 194 9.11 7.32 5.03
N SER A 195 9.94 7.13 4.02
CA SER A 195 10.37 8.25 3.20
C SER A 195 9.21 8.87 2.42
N PHE A 196 9.33 10.18 2.17
CA PHE A 196 8.31 10.94 1.44
C PHE A 196 8.04 10.38 0.05
N GLN A 197 9.10 9.99 -0.68
CA GLN A 197 8.91 9.65 -2.09
C GLN A 197 9.91 8.64 -2.63
N TYR A 198 10.68 7.93 -1.79
CA TYR A 198 11.54 6.85 -2.28
C TYR A 198 12.57 7.41 -3.26
N ALA A 199 13.04 8.63 -3.02
CA ALA A 199 13.84 9.34 -4.00
C ALA A 199 15.18 8.63 -4.22
N PRO A 200 15.72 8.69 -5.44
CA PRO A 200 17.07 8.16 -5.69
C PRO A 200 18.08 8.76 -4.71
N GLU A 201 19.07 7.95 -4.33
CA GLU A 201 20.04 8.36 -3.31
C GLU A 201 20.80 9.62 -3.71
N THR A 202 21.07 9.81 -5.00
CA THR A 202 21.84 10.95 -5.46
C THR A 202 20.98 12.13 -5.88
N ALA A 203 19.66 12.07 -5.61
CA ALA A 203 18.76 13.16 -5.97
C ALA A 203 19.29 14.51 -5.49
N SER A 204 19.33 15.48 -6.40
CA SER A 204 19.87 16.79 -6.08
C SER A 204 18.94 17.60 -5.19
N TRP A 205 17.65 17.31 -5.21
CA TRP A 205 16.66 18.09 -4.50
C TRP A 205 16.35 17.55 -3.10
N VAL A 206 16.97 16.45 -2.70
CA VAL A 206 16.79 15.87 -1.38
C VAL A 206 18.16 15.84 -0.71
N ALA A 207 18.33 16.60 0.37
CA ALA A 207 19.64 16.71 0.99
C ALA A 207 20.10 15.38 1.61
N ASP A 208 19.22 14.71 2.34
CA ASP A 208 19.60 13.48 3.02
C ASP A 208 18.33 12.66 3.28
N GLY A 209 17.93 11.89 2.28
CA GLY A 209 16.67 11.17 2.42
C GLY A 209 16.41 10.14 1.34
N GLY A 210 15.14 9.92 1.06
CA GLY A 210 14.75 8.93 0.06
C GLY A 210 15.32 7.56 0.34
N LYS A 211 15.91 6.95 -0.70
CA LYS A 211 16.38 5.57 -0.56
C LYS A 211 17.50 5.42 0.43
N LYS A 212 18.18 6.52 0.81
CA LYS A 212 19.26 6.41 1.79
C LYS A 212 18.79 5.87 3.14
N TYR A 213 17.53 6.12 3.53
CA TYR A 213 17.04 5.53 4.77
C TYR A 213 17.11 4.02 4.73
N TYR A 214 16.90 3.44 3.55
CA TYR A 214 16.77 2.00 3.39
C TYR A 214 18.12 1.34 3.16
N THR A 215 18.95 1.91 2.28
CA THR A 215 20.27 1.34 2.06
C THR A 215 21.07 1.30 3.35
N LYS A 216 20.95 2.35 4.18
CA LYS A 216 21.74 2.35 5.41
C LYS A 216 21.29 1.28 6.39
N ILE A 217 20.01 0.90 6.35
CA ILE A 217 19.55 -0.24 7.15
C ILE A 217 20.11 -1.54 6.59
N LEU A 218 20.01 -1.73 5.27
CA LEU A 218 20.53 -2.95 4.66
C LEU A 218 22.00 -3.13 4.94
N ASN A 219 22.74 -2.02 5.01
CA ASN A 219 24.20 -2.06 5.10
C ASN A 219 24.70 -2.14 6.53
N ASN A 220 23.83 -2.10 7.53
CA ASN A 220 24.21 -2.13 8.93
C ASN A 220 23.56 -3.37 9.56
N GLN A 221 24.39 -4.29 10.05
CA GLN A 221 23.88 -5.60 10.48
C GLN A 221 22.85 -5.45 11.59
N LYS A 222 23.13 -4.59 12.57
CA LYS A 222 22.24 -4.44 13.71
C LYS A 222 20.94 -3.75 13.32
N ALA A 223 21.02 -2.69 12.49
CA ALA A 223 19.81 -2.02 12.05
C ALA A 223 18.91 -2.98 11.26
N PHE A 224 19.51 -3.77 10.37
CA PHE A 224 18.71 -4.70 9.58
C PHE A 224 18.05 -5.74 10.48
N ALA A 225 18.79 -6.27 11.45
CA ALA A 225 18.24 -7.28 12.34
C ALA A 225 17.05 -6.74 13.14
N ASN A 226 17.04 -5.44 13.45
CA ASN A 226 16.01 -4.84 14.29
C ASN A 226 14.89 -4.21 13.48
N CYS A 227 14.96 -4.26 12.16
CA CYS A 227 13.93 -3.69 11.29
C CYS A 227 13.20 -4.84 10.60
N ASP A 228 11.90 -5.00 10.91
CA ASP A 228 11.16 -6.15 10.43
C ASP A 228 10.56 -5.97 9.04
N LEU A 229 10.24 -4.73 8.66
CA LEU A 229 9.71 -4.49 7.32
C LEU A 229 9.95 -3.02 7.00
N PHE A 230 9.76 -2.68 5.73
CA PHE A 230 10.05 -1.35 5.23
C PHE A 230 8.78 -0.69 4.73
N GLY A 231 8.68 0.62 4.96
CA GLY A 231 7.58 1.39 4.40
C GLY A 231 8.12 2.62 3.71
N THR A 232 7.49 2.97 2.59
CA THR A 232 7.75 4.22 1.91
C THR A 232 6.45 4.84 1.44
N HIS A 233 6.49 6.16 1.25
CA HIS A 233 5.40 6.88 0.59
C HIS A 233 5.78 7.10 -0.88
N PHE A 234 4.81 7.55 -1.67
CA PHE A 234 4.92 7.57 -3.13
C PHE A 234 4.63 8.96 -3.71
N TYR A 235 4.78 10.04 -2.94
CA TYR A 235 4.39 11.37 -3.42
C TYR A 235 5.34 11.87 -4.51
N GLY A 236 4.86 11.93 -5.75
CA GLY A 236 5.72 12.30 -6.85
C GLY A 236 6.69 11.22 -7.26
N THR A 237 6.54 10.01 -6.75
CA THR A 237 7.48 8.95 -7.09
C THR A 237 7.27 8.48 -8.53
N GLN A 238 8.30 8.63 -9.34
N GLN A 238 8.31 8.63 -9.35
CA GLN A 238 8.25 8.19 -10.73
CA GLN A 238 8.23 8.19 -10.73
C GLN A 238 8.38 6.67 -10.80
C GLN A 238 8.38 6.68 -10.81
N ARG A 239 7.77 6.09 -11.84
CA ARG A 239 7.92 4.66 -12.08
C ARG A 239 9.39 4.26 -12.10
N ALA A 240 10.24 5.09 -12.71
CA ALA A 240 11.67 4.85 -12.82
C ALA A 240 12.40 4.87 -11.49
N TRP A 241 11.74 5.25 -10.39
CA TRP A 241 12.34 5.19 -9.06
C TRP A 241 11.84 4.00 -8.25
N MET A 242 10.86 3.26 -8.75
CA MET A 242 10.27 2.21 -7.92
C MET A 242 11.11 0.96 -7.80
N ASP A 243 11.96 0.67 -8.79
CA ASP A 243 12.81 -0.51 -8.72
C ASP A 243 13.95 -0.27 -7.73
N PHE A 244 14.13 -1.19 -6.80
CA PHE A 244 15.12 -1.06 -5.73
C PHE A 244 15.67 -2.46 -5.48
N PRO A 245 16.58 -2.92 -6.34
CA PRO A 245 17.03 -4.33 -6.27
C PRO A 245 17.48 -4.81 -4.90
N ALA A 246 18.30 -4.05 -4.18
CA ALA A 246 18.81 -4.56 -2.90
C ALA A 246 17.69 -4.73 -1.88
N LEU A 247 16.72 -3.81 -1.87
CA LEU A 247 15.63 -3.92 -0.91
C LEU A 247 14.66 -5.03 -1.32
N GLU A 248 14.43 -5.19 -2.62
CA GLU A 248 13.51 -6.22 -3.10
C GLU A 248 14.04 -7.64 -2.91
N SER A 249 15.33 -7.82 -2.63
CA SER A 249 15.92 -9.13 -2.47
C SER A 249 16.35 -9.42 -1.03
N CYS A 250 16.00 -8.55 -0.08
CA CYS A 250 16.54 -8.68 1.27
C CYS A 250 15.77 -9.65 2.14
N GLY A 251 14.63 -10.17 1.68
CA GLY A 251 13.88 -11.14 2.46
C GLY A 251 12.83 -10.59 3.38
N LYS A 252 12.58 -9.29 3.35
CA LYS A 252 11.58 -8.65 4.20
C LYS A 252 10.67 -7.79 3.35
N PRO A 253 9.41 -7.64 3.75
CA PRO A 253 8.43 -6.93 2.90
C PRO A 253 8.70 -5.44 2.80
N ILE A 254 8.31 -4.88 1.66
CA ILE A 254 8.26 -3.44 1.44
C ILE A 254 6.79 -3.06 1.26
N TRP A 255 6.32 -2.12 2.07
CA TRP A 255 4.97 -1.61 1.97
C TRP A 255 5.00 -0.17 1.47
N MET A 256 4.08 0.15 0.56
CA MET A 256 3.81 1.54 0.24
C MET A 256 2.74 2.02 1.22
N THR A 257 3.16 2.81 2.21
CA THR A 257 2.34 3.04 3.41
C THR A 257 1.54 4.34 3.40
N GLU A 258 1.71 5.20 2.40
CA GLU A 258 0.87 6.38 2.28
C GLU A 258 1.02 7.01 0.90
N VAL A 259 -0.11 7.27 0.24
CA VAL A 259 -0.12 8.15 -0.93
C VAL A 259 -1.56 8.56 -1.20
N TYR A 260 -1.72 9.65 -1.94
CA TYR A 260 -2.90 9.89 -2.77
C TYR A 260 -2.36 10.31 -4.11
N VAL A 261 -3.03 9.88 -5.18
CA VAL A 261 -2.61 10.23 -6.54
C VAL A 261 -3.85 10.50 -7.38
N PRO A 262 -3.71 11.39 -8.37
CA PRO A 262 -2.51 12.20 -8.67
C PRO A 262 -2.45 13.49 -7.87
N ASN A 263 -3.45 13.77 -7.03
CA ASN A 263 -3.52 15.04 -6.31
C ASN A 263 -4.55 14.89 -5.20
N SER A 264 -4.65 15.93 -4.36
CA SER A 264 -5.73 16.03 -3.39
C SER A 264 -6.75 17.08 -3.79
N SER A 265 -6.48 17.86 -4.82
N SER A 265 -6.50 17.85 -4.84
CA SER A 265 -7.32 18.99 -5.18
CA SER A 265 -7.35 18.98 -5.18
C SER A 265 -8.56 18.59 -5.97
C SER A 265 -8.57 18.59 -5.99
N SER A 266 -8.56 17.44 -6.66
CA SER A 266 -9.71 16.96 -7.42
C SER A 266 -10.63 16.10 -6.57
N ASP A 267 -11.93 16.22 -6.83
CA ASP A 267 -12.89 15.27 -6.32
C ASP A 267 -12.56 13.87 -6.84
N ALA A 268 -12.73 12.87 -5.98
CA ALA A 268 -12.29 11.51 -6.33
C ALA A 268 -13.15 10.82 -7.39
N ASP A 269 -14.24 11.43 -7.85
CA ASP A 269 -14.97 10.89 -8.99
C ASP A 269 -14.46 11.45 -10.31
N THR A 270 -13.48 12.35 -10.30
CA THR A 270 -12.98 12.95 -11.53
C THR A 270 -12.40 11.86 -12.43
N TRP A 271 -12.84 11.85 -13.70
CA TRP A 271 -12.55 10.77 -14.62
C TRP A 271 -12.22 11.36 -15.98
N PRO A 272 -11.18 10.85 -16.68
CA PRO A 272 -10.36 9.66 -16.40
C PRO A 272 -9.23 9.85 -15.42
N GLU A 273 -9.14 11.01 -14.73
CA GLU A 273 -8.07 11.24 -13.77
C GLU A 273 -7.90 10.07 -12.80
N ALA A 274 -9.00 9.52 -12.28
CA ALA A 274 -8.93 8.48 -11.26
C ALA A 274 -8.17 7.24 -11.72
N LEU A 275 -8.08 7.01 -13.04
CA LEU A 275 -7.36 5.85 -13.56
C LEU A 275 -5.89 5.85 -13.15
N ASP A 276 -5.34 7.04 -12.84
CA ASP A 276 -3.97 7.11 -12.34
C ASP A 276 -3.77 6.27 -11.08
N VAL A 277 -4.83 6.08 -10.28
CA VAL A 277 -4.71 5.25 -9.08
C VAL A 277 -4.36 3.82 -9.46
N ALA A 278 -5.05 3.27 -10.47
CA ALA A 278 -4.80 1.89 -10.88
C ALA A 278 -3.40 1.74 -11.46
N GLU A 279 -2.97 2.72 -12.26
CA GLU A 279 -1.60 2.70 -12.78
C GLU A 279 -0.58 2.75 -11.66
N ASN A 280 -0.84 3.55 -10.61
CA ASN A 280 0.10 3.67 -9.51
C ASN A 280 0.19 2.37 -8.71
N ILE A 281 -0.95 1.73 -8.43
CA ILE A 281 -0.95 0.43 -7.76
C ILE A 281 -0.17 -0.59 -8.60
N HIS A 282 -0.49 -0.64 -9.90
CA HIS A 282 0.21 -1.56 -10.79
C HIS A 282 1.71 -1.34 -10.73
N ASN A 283 2.14 -0.08 -10.80
CA ASN A 283 3.57 0.19 -10.78
C ASN A 283 4.18 -0.22 -9.45
N GLY A 284 3.52 0.07 -8.33
CA GLY A 284 4.08 -0.36 -7.06
C GLY A 284 4.22 -1.86 -6.99
N MET A 285 3.19 -2.58 -7.46
N MET A 285 3.23 -2.58 -7.49
CA MET A 285 3.19 -4.04 -7.42
CA MET A 285 3.23 -4.03 -7.36
C MET A 285 4.29 -4.64 -8.30
C MET A 285 4.21 -4.70 -8.33
N THR A 286 4.41 -4.16 -9.53
CA THR A 286 5.25 -4.84 -10.53
C THR A 286 6.63 -4.24 -10.71
N VAL A 287 6.80 -2.94 -10.45
CA VAL A 287 8.11 -2.32 -10.57
C VAL A 287 8.79 -2.20 -9.21
N GLY A 288 8.02 -1.94 -8.16
CA GLY A 288 8.55 -1.87 -6.81
C GLY A 288 8.46 -3.14 -6.00
N ASN A 289 7.77 -4.18 -6.49
CA ASN A 289 7.58 -5.41 -5.71
C ASN A 289 6.94 -5.10 -4.36
N MET A 290 6.06 -4.11 -4.31
CA MET A 290 5.45 -3.78 -3.02
C MET A 290 4.48 -4.86 -2.56
N SER A 291 4.56 -5.19 -1.27
CA SER A 291 3.65 -6.14 -0.67
C SER A 291 2.35 -5.51 -0.19
N ALA A 292 2.28 -4.19 -0.11
CA ALA A 292 1.09 -3.53 0.40
C ALA A 292 1.00 -2.16 -0.26
N TYR A 293 -0.22 -1.68 -0.41
CA TYR A 293 -0.46 -0.34 -0.96
C TYR A 293 -1.54 0.31 -0.10
N VAL A 294 -1.17 1.41 0.57
CA VAL A 294 -1.99 2.04 1.61
C VAL A 294 -2.20 3.51 1.25
N TRP A 295 -3.47 3.87 1.02
CA TRP A 295 -3.85 5.24 0.76
C TRP A 295 -3.72 6.06 2.04
N TRP A 296 -3.77 7.39 1.88
CA TRP A 296 -3.99 8.33 2.99
C TRP A 296 -5.44 8.20 3.50
N TYR A 297 -6.09 9.30 3.91
CA TYR A 297 -7.39 9.15 4.57
C TYR A 297 -8.36 8.30 3.75
N ILE A 298 -8.99 7.31 4.39
CA ILE A 298 -9.95 6.46 3.67
C ILE A 298 -11.12 7.28 3.18
N ARG A 299 -11.68 8.11 4.08
CA ARG A 299 -12.87 8.91 3.81
C ARG A 299 -12.46 10.37 3.65
N ARG A 300 -12.61 10.90 2.44
CA ARG A 300 -12.23 12.27 2.13
C ARG A 300 -12.70 12.58 0.72
N SER A 301 -12.85 13.87 0.43
CA SER A 301 -13.25 14.32 -0.92
C SER A 301 -12.42 13.69 -2.03
N TYR A 302 -11.12 13.46 -1.79
CA TYR A 302 -10.19 12.93 -2.78
C TYR A 302 -9.78 11.48 -2.49
N GLY A 303 -10.52 10.80 -1.61
CA GLY A 303 -10.15 9.47 -1.20
C GLY A 303 -11.00 8.38 -1.83
N PRO A 304 -10.74 7.13 -1.43
CA PRO A 304 -11.50 6.00 -1.99
C PRO A 304 -12.93 5.94 -1.53
N MET A 305 -13.24 6.50 -0.36
CA MET A 305 -14.60 6.66 0.14
C MET A 305 -14.91 8.16 0.20
N LYS A 306 -16.04 8.55 -0.37
CA LYS A 306 -16.47 9.94 -0.33
C LYS A 306 -17.05 10.30 1.02
N GLU A 307 -17.17 11.60 1.29
CA GLU A 307 -17.73 12.02 2.56
C GLU A 307 -19.16 11.54 2.73
N ASN A 308 -19.89 11.28 1.65
CA ASN A 308 -21.24 10.72 1.76
C ASN A 308 -21.23 9.21 1.99
N GLY A 309 -20.07 8.61 2.19
CA GLY A 309 -19.96 7.20 2.49
C GLY A 309 -19.95 6.26 1.30
N ASN A 310 -20.16 6.76 0.08
CA ASN A 310 -20.14 5.92 -1.09
C ASN A 310 -18.71 5.81 -1.63
N ILE A 311 -18.46 4.74 -2.38
CA ILE A 311 -17.15 4.56 -2.98
C ILE A 311 -16.98 5.51 -4.16
N SER A 312 -15.81 6.13 -4.25
CA SER A 312 -15.49 7.02 -5.35
C SER A 312 -14.86 6.24 -6.52
N LYS A 313 -14.72 6.91 -7.67
CA LYS A 313 -13.98 6.30 -8.77
C LYS A 313 -12.57 5.88 -8.35
N ARG A 314 -11.87 6.73 -7.59
CA ARG A 314 -10.56 6.34 -7.09
C ARG A 314 -10.66 5.08 -6.22
N GLY A 315 -11.74 4.95 -5.45
CA GLY A 315 -11.93 3.76 -4.65
C GLY A 315 -12.22 2.51 -5.46
N TYR A 316 -12.99 2.63 -6.55
CA TYR A 316 -13.18 1.47 -7.42
C TYR A 316 -11.87 1.04 -8.08
N MET A 317 -10.99 2.00 -8.37
CA MET A 317 -9.65 1.68 -8.87
C MET A 317 -8.92 0.82 -7.85
N MET A 318 -8.94 1.23 -6.57
N MET A 318 -8.96 1.22 -6.57
CA MET A 318 -8.34 0.39 -5.54
CA MET A 318 -8.36 0.43 -5.51
C MET A 318 -9.03 -0.96 -5.46
C MET A 318 -9.03 -0.94 -5.39
N ALA A 319 -10.37 -0.96 -5.49
CA ALA A 319 -11.11 -2.20 -5.28
C ALA A 319 -10.82 -3.27 -6.33
N GLN A 320 -10.51 -2.87 -7.57
CA GLN A 320 -10.14 -3.82 -8.61
C GLN A 320 -8.96 -4.68 -8.18
N TYR A 321 -8.12 -4.17 -7.26
CA TYR A 321 -7.05 -4.93 -6.63
C TYR A 321 -7.50 -5.49 -5.29
N SER A 322 -7.96 -4.62 -4.39
CA SER A 322 -8.15 -5.01 -2.99
C SER A 322 -9.20 -6.11 -2.79
N LYS A 323 -10.27 -6.12 -3.58
CA LYS A 323 -11.31 -7.14 -3.38
C LYS A 323 -10.86 -8.52 -3.84
N PHE A 324 -9.86 -8.59 -4.71
CA PHE A 324 -9.51 -9.81 -5.41
C PHE A 324 -8.09 -10.28 -5.17
N VAL A 325 -7.22 -9.43 -4.67
CA VAL A 325 -5.83 -9.76 -4.37
C VAL A 325 -5.71 -9.66 -2.86
N ARG A 326 -5.77 -10.79 -2.19
CA ARG A 326 -6.00 -10.88 -0.76
C ARG A 326 -4.72 -11.24 -0.02
N PRO A 327 -4.64 -10.95 1.27
CA PRO A 327 -3.43 -11.23 2.03
C PRO A 327 -3.01 -12.69 1.91
N GLY A 328 -1.71 -12.89 1.64
CA GLY A 328 -1.15 -14.20 1.44
C GLY A 328 -1.06 -14.63 0.00
N ASP A 329 -1.76 -13.93 -0.92
CA ASP A 329 -1.62 -14.22 -2.34
C ASP A 329 -0.20 -13.86 -2.78
N VAL A 330 0.25 -14.45 -3.89
CA VAL A 330 1.62 -14.29 -4.35
C VAL A 330 1.59 -13.71 -5.76
N ARG A 331 2.33 -12.62 -5.98
CA ARG A 331 2.44 -12.08 -7.33
C ARG A 331 3.27 -13.04 -8.18
N ILE A 332 2.83 -13.26 -9.42
CA ILE A 332 3.46 -14.20 -10.33
C ILE A 332 3.78 -13.50 -11.66
N ASP A 333 4.57 -14.18 -12.48
CA ASP A 333 5.01 -13.57 -13.73
C ASP A 333 3.84 -13.44 -14.71
N ALA A 334 3.73 -12.27 -15.33
CA ALA A 334 2.78 -12.03 -16.41
C ALA A 334 3.32 -10.89 -17.25
N THR A 335 3.26 -11.04 -18.57
CA THR A 335 3.68 -9.98 -19.48
C THR A 335 3.17 -8.63 -19.01
N GLU A 336 4.09 -7.75 -18.60
CA GLU A 336 3.71 -6.60 -17.81
C GLU A 336 3.12 -5.45 -18.62
N GLN A 337 3.53 -5.28 -19.87
CA GLN A 337 3.07 -4.17 -20.69
C GLN A 337 2.94 -4.69 -22.11
N PRO A 338 1.86 -5.47 -22.38
CA PRO A 338 1.75 -6.14 -23.69
C PRO A 338 1.62 -5.18 -24.85
N THR A 339 1.01 -4.02 -24.61
CA THR A 339 1.04 -2.87 -25.51
CA THR A 339 1.09 -2.87 -25.50
C THR A 339 1.33 -1.66 -24.63
N GLN A 340 1.85 -0.59 -25.23
CA GLN A 340 2.29 0.52 -24.39
C GLN A 340 1.10 1.13 -23.64
N ASN A 341 1.28 1.35 -22.35
CA ASN A 341 0.26 1.93 -21.48
C ASN A 341 -0.93 1.03 -21.25
N VAL A 342 -0.77 -0.27 -21.50
CA VAL A 342 -1.67 -1.30 -20.98
C VAL A 342 -0.84 -2.10 -19.98
N PHE A 343 -1.22 -2.04 -18.71
CA PHE A 343 -0.41 -2.56 -17.62
C PHE A 343 -1.08 -3.78 -17.03
N VAL A 344 -0.35 -4.89 -16.96
CA VAL A 344 -0.92 -6.17 -16.53
C VAL A 344 -0.11 -6.74 -15.37
N SER A 345 -0.80 -7.21 -14.33
CA SER A 345 -0.19 -7.93 -13.23
C SER A 345 -1.03 -9.16 -12.90
N ALA A 346 -0.41 -10.14 -12.23
CA ALA A 346 -1.12 -11.38 -11.93
C ALA A 346 -0.67 -11.94 -10.59
N TYR A 347 -1.61 -12.64 -9.94
CA TYR A 347 -1.43 -13.14 -8.58
C TYR A 347 -2.10 -14.51 -8.49
N LYS A 348 -1.51 -15.38 -7.68
CA LYS A 348 -2.18 -16.65 -7.37
C LYS A 348 -2.53 -16.71 -5.89
N ASN A 349 -3.64 -17.39 -5.59
CA ASN A 349 -4.05 -17.62 -4.21
C ASN A 349 -3.89 -19.08 -3.83
N ASP A 350 -4.13 -19.38 -2.56
CA ASP A 350 -3.90 -20.74 -2.08
C ASP A 350 -5.04 -21.69 -2.42
N ALA A 351 -6.06 -21.21 -3.13
CA ALA A 351 -7.05 -22.05 -3.79
C ALA A 351 -6.71 -22.29 -5.26
N ASP A 352 -5.50 -21.91 -5.68
CA ASP A 352 -5.04 -22.10 -7.06
C ASP A 352 -5.85 -21.33 -8.08
N GLN A 353 -6.47 -20.22 -7.67
CA GLN A 353 -7.03 -19.30 -8.64
C GLN A 353 -5.95 -18.31 -9.02
N VAL A 354 -6.02 -17.82 -10.26
CA VAL A 354 -5.12 -16.77 -10.74
C VAL A 354 -5.94 -15.53 -11.02
N THR A 355 -5.51 -14.40 -10.50
CA THR A 355 -6.20 -13.13 -10.70
C THR A 355 -5.31 -12.22 -11.52
N ILE A 356 -5.85 -11.70 -12.62
CA ILE A 356 -5.13 -10.87 -13.57
C ILE A 356 -5.78 -9.50 -13.60
N VAL A 357 -5.00 -8.45 -13.38
CA VAL A 357 -5.53 -7.08 -13.41
C VAL A 357 -4.90 -6.35 -14.58
N ALA A 358 -5.73 -5.90 -15.52
CA ALA A 358 -5.27 -5.26 -16.75
C ALA A 358 -5.78 -3.82 -16.78
N VAL A 359 -4.86 -2.86 -16.80
CA VAL A 359 -5.20 -1.44 -16.80
C VAL A 359 -4.97 -0.93 -18.22
N ASN A 360 -6.03 -0.63 -18.95
CA ASN A 360 -5.87 -0.02 -20.28
C ASN A 360 -5.91 1.49 -20.08
N LYS A 361 -4.73 2.11 -20.08
CA LYS A 361 -4.64 3.55 -19.88
C LYS A 361 -4.62 4.30 -21.20
N THR A 362 -4.83 3.61 -22.31
CA THR A 362 -4.91 4.24 -23.62
C THR A 362 -6.34 4.65 -23.95
N THR A 363 -6.48 5.42 -25.01
CA THR A 363 -7.78 5.84 -25.51
C THR A 363 -8.34 4.87 -26.55
N SER A 364 -7.78 3.67 -26.68
CA SER A 364 -8.19 2.72 -27.71
C SER A 364 -8.59 1.38 -27.11
N GLU A 365 -9.73 0.85 -27.54
CA GLU A 365 -10.14 -0.50 -27.20
C GLU A 365 -9.54 -1.49 -28.18
N TYR A 366 -9.12 -2.65 -27.68
CA TYR A 366 -8.60 -3.72 -28.53
C TYR A 366 -8.81 -5.05 -27.80
N ASN A 367 -8.57 -6.14 -28.52
CA ASN A 367 -8.69 -7.49 -27.99
C ASN A 367 -7.34 -8.00 -27.49
N GLN A 368 -7.31 -8.43 -26.23
CA GLN A 368 -6.09 -8.90 -25.57
C GLN A 368 -6.22 -10.38 -25.26
N SER A 369 -5.25 -11.18 -25.70
N SER A 369 -5.25 -11.18 -25.70
CA SER A 369 -5.22 -12.60 -25.39
CA SER A 369 -5.21 -12.60 -25.39
C SER A 369 -4.37 -12.85 -24.15
C SER A 369 -4.35 -12.85 -24.15
N PHE A 370 -4.71 -13.92 -23.42
CA PHE A 370 -4.01 -14.32 -22.22
C PHE A 370 -3.76 -15.82 -22.29
N SER A 371 -2.64 -16.27 -21.72
CA SER A 371 -2.27 -17.67 -21.82
C SER A 371 -1.52 -18.11 -20.56
N MET A 372 -1.81 -19.31 -20.08
CA MET A 372 -1.06 -19.89 -18.95
C MET A 372 0.19 -20.56 -19.50
N GLY A 373 1.31 -19.83 -19.44
CA GLY A 373 2.57 -20.42 -19.86
C GLY A 373 2.97 -21.59 -19.00
N SER A 374 2.50 -21.64 -17.76
CA SER A 374 2.75 -22.77 -16.86
C SER A 374 1.90 -24.00 -17.19
N GLY A 375 0.99 -23.90 -18.17
CA GLY A 375 0.36 -25.07 -18.75
C GLY A 375 -0.97 -25.49 -18.15
N GLU A 376 -1.48 -24.80 -17.12
CA GLU A 376 -2.73 -25.20 -16.51
C GLU A 376 -3.91 -24.94 -17.44
N SER A 377 -4.84 -25.88 -17.47
N SER A 377 -4.84 -25.88 -17.47
CA SER A 377 -6.08 -25.69 -18.22
CA SER A 377 -6.08 -25.68 -18.20
C SER A 377 -7.03 -24.83 -17.40
C SER A 377 -7.01 -24.79 -17.40
N ILE A 378 -7.77 -23.95 -18.09
CA ILE A 378 -8.71 -23.04 -17.46
C ILE A 378 -10.06 -23.72 -17.33
N SER A 379 -10.74 -23.50 -16.19
CA SER A 379 -12.09 -24.03 -15.99
C SER A 379 -13.14 -22.96 -15.80
N GLY A 380 -12.76 -21.69 -15.72
CA GLY A 380 -13.71 -20.61 -15.60
C GLY A 380 -12.98 -19.29 -15.54
N VAL A 381 -13.57 -18.24 -16.10
CA VAL A 381 -13.02 -16.89 -16.01
C VAL A 381 -14.17 -15.93 -15.75
N THR A 382 -14.06 -15.14 -14.68
CA THR A 382 -15.02 -14.08 -14.38
C THR A 382 -14.30 -12.74 -14.40
N ARG A 383 -14.93 -11.74 -15.02
CA ARG A 383 -14.36 -10.40 -15.08
C ARG A 383 -15.16 -9.43 -14.23
N TYR A 384 -14.45 -8.56 -13.51
CA TYR A 384 -15.01 -7.36 -12.89
C TYR A 384 -14.28 -6.17 -13.50
N ARG A 385 -15.04 -5.18 -13.98
CA ARG A 385 -14.46 -4.07 -14.72
C ARG A 385 -14.97 -2.73 -14.24
N SER A 386 -14.06 -1.76 -14.15
CA SER A 386 -14.40 -0.38 -13.81
C SER A 386 -13.87 0.55 -14.90
N SER A 387 -14.64 1.59 -15.18
CA SER A 387 -14.32 2.53 -16.26
C SER A 387 -15.09 3.82 -15.98
N GLY A 388 -15.16 4.71 -16.97
CA GLY A 388 -15.95 5.92 -16.79
C GLY A 388 -17.41 5.65 -16.50
N SER A 389 -17.94 4.52 -16.98
CA SER A 389 -19.35 4.21 -16.90
C SER A 389 -19.67 2.94 -16.11
N GLU A 390 -18.67 2.26 -15.57
CA GLU A 390 -18.86 0.99 -14.87
C GLU A 390 -18.10 1.01 -13.56
N ASN A 391 -18.70 0.41 -12.53
CA ASN A 391 -18.04 0.18 -11.24
C ASN A 391 -18.16 -1.30 -10.94
N LEU A 392 -17.05 -2.04 -11.05
CA LEU A 392 -17.02 -3.46 -10.72
C LEU A 392 -18.09 -4.27 -11.47
N ALA A 393 -18.33 -3.90 -12.72
CA ALA A 393 -19.29 -4.62 -13.55
C ALA A 393 -18.82 -6.05 -13.81
N LYS A 394 -19.70 -7.01 -13.56
CA LYS A 394 -19.36 -8.42 -13.56
C LYS A 394 -19.86 -9.11 -14.83
N SER A 395 -19.01 -9.98 -15.40
CA SER A 395 -19.41 -10.79 -16.55
C SER A 395 -18.58 -12.07 -16.60
N GLU A 396 -19.09 -13.06 -17.34
N GLU A 396 -19.09 -13.06 -17.34
CA GLU A 396 -18.39 -14.31 -17.56
CA GLU A 396 -18.37 -14.31 -17.53
C GLU A 396 -17.59 -14.24 -18.87
C GLU A 396 -17.62 -14.29 -18.87
N ILE A 397 -16.39 -14.80 -18.86
CA ILE A 397 -15.49 -14.75 -20.01
C ILE A 397 -15.27 -16.17 -20.55
N SER A 398 -15.42 -16.34 -21.85
N SER A 398 -15.39 -16.34 -21.86
CA SER A 398 -15.14 -17.61 -22.50
CA SER A 398 -15.16 -17.63 -22.49
C SER A 398 -13.64 -17.91 -22.46
C SER A 398 -13.67 -17.91 -22.65
N PHE A 399 -13.31 -19.19 -22.57
CA PHE A 399 -11.92 -19.62 -22.51
C PHE A 399 -11.76 -20.92 -23.32
N ASN A 400 -10.51 -21.26 -23.64
CA ASN A 400 -10.25 -22.49 -24.39
C ASN A 400 -8.88 -23.03 -24.01
N GLY A 401 -8.85 -24.23 -23.42
CA GLY A 401 -7.58 -24.84 -23.07
C GLY A 401 -6.86 -24.04 -22.00
N THR A 402 -5.67 -23.56 -22.34
CA THR A 402 -4.84 -22.81 -21.42
C THR A 402 -4.99 -21.29 -21.58
N GLY A 403 -5.91 -20.80 -22.42
CA GLY A 403 -5.98 -19.38 -22.70
C GLY A 403 -7.40 -18.85 -22.78
N PHE A 404 -7.47 -17.52 -22.83
CA PHE A 404 -8.71 -16.79 -23.07
C PHE A 404 -8.36 -15.43 -23.68
N ALA A 405 -9.37 -14.76 -24.22
CA ALA A 405 -9.19 -13.42 -24.76
C ALA A 405 -10.36 -12.55 -24.34
N ALA A 406 -10.12 -11.24 -24.29
CA ALA A 406 -11.15 -10.29 -23.88
C ALA A 406 -10.87 -8.93 -24.48
N GLN A 407 -11.95 -8.20 -24.77
CA GLN A 407 -11.81 -6.78 -25.07
C GLN A 407 -11.36 -6.04 -23.83
N LEU A 408 -10.40 -5.11 -24.01
CA LEU A 408 -10.06 -4.15 -22.96
C LEU A 408 -10.49 -2.78 -23.43
N PRO A 409 -11.64 -2.27 -23.00
CA PRO A 409 -12.07 -0.92 -23.39
C PRO A 409 -11.05 0.15 -23.03
N ALA A 410 -11.10 1.24 -23.79
CA ALA A 410 -10.27 2.40 -23.49
C ALA A 410 -10.48 2.84 -22.05
N GLN A 411 -9.40 3.26 -21.39
CA GLN A 411 -9.47 3.84 -20.05
C GLN A 411 -10.31 3.00 -19.10
N SER A 412 -9.86 1.76 -18.89
CA SER A 412 -10.61 0.83 -18.06
C SER A 412 -9.65 -0.05 -17.26
N VAL A 413 -10.18 -0.65 -16.19
CA VAL A 413 -9.46 -1.63 -15.39
C VAL A 413 -10.29 -2.90 -15.33
N SER A 414 -9.71 -4.01 -15.76
CA SER A 414 -10.37 -5.30 -15.80
C SER A 414 -9.64 -6.28 -14.91
N THR A 415 -10.37 -6.88 -13.97
CA THR A 415 -9.82 -7.92 -13.10
C THR A 415 -10.46 -9.25 -13.50
N PHE A 416 -9.64 -10.20 -13.90
CA PHE A 416 -10.10 -11.52 -14.31
C PHE A 416 -9.74 -12.51 -13.21
N VAL A 417 -10.76 -13.20 -12.69
CA VAL A 417 -10.55 -14.29 -11.74
C VAL A 417 -10.62 -15.60 -12.51
N VAL A 418 -9.50 -16.32 -12.54
CA VAL A 418 -9.32 -17.49 -13.40
C VAL A 418 -9.26 -18.73 -12.53
N ASP A 419 -10.21 -19.64 -12.73
CA ASP A 419 -10.18 -20.96 -12.11
C ASP A 419 -9.43 -21.92 -13.01
N LEU A 420 -8.57 -22.73 -12.40
CA LEU A 420 -7.71 -23.64 -13.16
C LEU A 420 -8.15 -25.09 -12.95
C1 EDO B . 12.20 17.04 -8.70
O1 EDO B . 11.18 16.21 -8.13
C2 EDO B . 13.08 16.21 -9.62
O2 EDO B . 12.26 15.58 -10.61
C1 PEG C . -3.04 16.31 16.72
O1 PEG C . -2.60 17.55 16.19
C2 PEG C . -3.99 16.51 17.85
O2 PEG C . -3.67 15.59 18.89
C3 PEG C . -4.22 15.95 20.15
C4 PEG C . -5.70 15.72 20.15
O4 PEG C . -6.03 14.50 20.78
NA NA D . -1.53 6.16 4.93
NA NA E . -10.01 13.74 -15.67
NA NA F . 2.68 11.82 16.17
NA NA G . 14.34 18.00 24.31
NA NA H . 6.68 -14.52 -2.11
NA NA I . -5.35 -7.65 12.99
NA NA J . -2.82 7.66 18.88
NA NA K . 16.14 8.26 26.51
F F L . 11.57 -4.02 -8.96
F F M . 13.20 -6.99 16.94
P PO4 N . -2.66 4.92 28.78
O1 PO4 N . -1.20 4.62 28.50
O2 PO4 N . -3.31 3.71 29.40
O3 PO4 N . -3.35 5.24 27.46
O4 PO4 N . -2.79 6.08 29.73
#